data_9IBA
#
_entry.id   9IBA
#
_cell.length_a   41.260
_cell.length_b   42.970
_cell.length_c   85.490
_cell.angle_alpha   90.000
_cell.angle_beta   90.000
_cell.angle_gamma   90.000
#
_symmetry.space_group_name_H-M   'P 21 21 21'
#
loop_
_entity.id
_entity.type
_entity.pdbx_description
1 polymer ARR-2
2 non-polymer RIFAMPICIN
3 water water
#
_entity_poly.entity_id   1
_entity_poly.type   'polypeptide(L)'
_entity_poly.pdbx_seq_one_letter_code
;SMVKDWIPISHDNYKQVQGPFYHGTKANLAIGDLLTTGFISHFEDGRILKHIYFSALMEPAVWGAELAMSLSGLEGRGYI
YIVEPTGPFEDDPNLTNKKFPGNPTQSYRTCEPLRIVGVVEDWEGHPVELIRGMLDSLEDLKRRGLHVIED
;
_entity_poly.pdbx_strand_id   A
#
loop_
_chem_comp.id
_chem_comp.type
_chem_comp.name
_chem_comp.formula
RFP non-polymer RIFAMPICIN 'C43 H58 N4 O12'
#
# COMPACT_ATOMS: atom_id res chain seq x y z
N TRP A 6 -8.31 20.43 -2.48
CA TRP A 6 -8.09 18.95 -2.48
C TRP A 6 -9.38 18.22 -2.84
N ILE A 7 -9.31 17.23 -3.74
CA ILE A 7 -10.52 16.52 -4.25
C ILE A 7 -10.39 15.05 -3.84
N PRO A 8 -11.38 14.53 -3.08
CA PRO A 8 -11.39 13.11 -2.73
C PRO A 8 -11.42 12.27 -4.01
N ILE A 9 -10.60 11.24 -4.00
CA ILE A 9 -10.60 10.23 -5.10
C ILE A 9 -11.51 9.08 -4.69
N SER A 10 -12.48 8.78 -5.54
CA SER A 10 -13.53 7.78 -5.35
C SER A 10 -13.63 6.91 -6.62
N HIS A 11 -14.56 5.96 -6.61
CA HIS A 11 -14.92 5.17 -7.80
C HIS A 11 -15.54 6.04 -8.89
N ASP A 12 -15.95 7.30 -8.62
CA ASP A 12 -16.59 8.11 -9.67
CA ASP A 12 -16.59 8.20 -9.63
C ASP A 12 -15.55 8.99 -10.41
N ASN A 13 -14.32 9.15 -9.89
CA ASN A 13 -13.33 10.06 -10.54
C ASN A 13 -11.90 9.50 -10.58
N TYR A 14 -11.67 8.22 -10.27
CA TYR A 14 -10.28 7.69 -10.24
C TYR A 14 -9.61 7.80 -11.62
N LYS A 15 -10.40 7.85 -12.69
CA LYS A 15 -9.83 7.87 -14.06
C LYS A 15 -9.04 9.15 -14.26
N GLN A 16 -9.32 10.21 -13.49
CA GLN A 16 -8.64 11.52 -13.58
C GLN A 16 -7.27 11.45 -12.91
N VAL A 17 -6.94 10.36 -12.22
CA VAL A 17 -5.65 10.29 -11.50
C VAL A 17 -4.58 9.73 -12.44
N GLN A 18 -3.54 10.52 -12.70
CA GLN A 18 -2.39 10.16 -13.54
C GLN A 18 -1.41 9.33 -12.72
N GLY A 19 -0.93 8.24 -13.29
CA GLY A 19 0.23 7.55 -12.73
C GLY A 19 1.50 8.34 -13.03
N PRO A 20 2.67 7.75 -12.79
CA PRO A 20 2.77 6.34 -12.41
C PRO A 20 2.35 6.05 -10.97
N PHE A 21 2.29 4.76 -10.64
CA PHE A 21 1.98 4.33 -9.26
C PHE A 21 3.05 3.36 -8.76
N TYR A 22 3.15 3.24 -7.46
CA TYR A 22 4.21 2.45 -6.79
C TYR A 22 3.56 1.57 -5.75
N HIS A 23 4.12 0.37 -5.60
CA HIS A 23 3.64 -0.62 -4.60
C HIS A 23 4.83 -1.31 -3.96
N GLY A 24 4.90 -1.26 -2.63
CA GLY A 24 5.92 -1.96 -1.83
C GLY A 24 5.42 -3.26 -1.28
N THR A 25 6.25 -4.26 -1.29
CA THR A 25 5.82 -5.64 -0.98
C THR A 25 7.01 -6.55 -0.71
N LYS A 26 6.72 -7.68 -0.08
CA LYS A 26 7.70 -8.80 0.00
C LYS A 26 7.61 -9.68 -1.27
N ALA A 27 6.57 -9.53 -2.10
CA ALA A 27 6.36 -10.42 -3.26
C ALA A 27 7.46 -10.22 -4.31
N ASN A 28 7.99 -11.33 -4.80
CA ASN A 28 9.05 -11.39 -5.83
C ASN A 28 8.38 -11.82 -7.15
N LEU A 29 8.07 -10.84 -7.99
CA LEU A 29 7.35 -11.02 -9.27
C LEU A 29 8.08 -10.27 -10.37
N ALA A 30 7.74 -10.65 -11.59
CA ALA A 30 8.35 -10.08 -12.80
C ALA A 30 7.50 -8.96 -13.36
N ILE A 31 8.16 -8.11 -14.15
CA ILE A 31 7.43 -7.11 -14.93
C ILE A 31 6.40 -7.85 -15.80
N GLY A 32 5.17 -7.37 -15.82
CA GLY A 32 4.08 -8.02 -16.57
C GLY A 32 3.21 -8.92 -15.74
N ASP A 33 3.69 -9.29 -14.57
CA ASP A 33 2.91 -10.11 -13.63
C ASP A 33 1.80 -9.26 -13.01
N LEU A 34 0.75 -9.97 -12.57
CA LEU A 34 -0.32 -9.41 -11.73
C LEU A 34 0.03 -9.69 -10.28
N LEU A 35 -0.10 -8.68 -9.44
CA LEU A 35 -0.04 -8.83 -7.96
C LEU A 35 -1.42 -9.23 -7.46
N THR A 36 -1.57 -10.52 -7.13
CA THR A 36 -2.75 -11.12 -6.50
C THR A 36 -2.40 -11.50 -5.07
N THR A 37 -1.22 -11.13 -4.62
CA THR A 37 -0.72 -11.51 -3.29
C THR A 37 -0.44 -10.26 -2.46
N GLY A 38 -0.46 -10.35 -1.14
CA GLY A 38 -0.19 -9.23 -0.23
C GLY A 38 -1.38 -8.29 -0.13
N PHE A 39 -2.56 -8.77 -0.55
CA PHE A 39 -3.80 -8.04 -0.24
C PHE A 39 -3.92 -8.04 1.28
N ILE A 40 -4.54 -7.01 1.78
CA ILE A 40 -4.75 -6.80 3.23
C ILE A 40 -6.21 -7.06 3.52
N SER A 41 -6.47 -7.97 4.45
CA SER A 41 -7.81 -8.19 5.03
C SER A 41 -7.91 -7.24 6.23
N HIS A 42 -8.83 -6.31 6.20
CA HIS A 42 -8.89 -5.30 7.28
C HIS A 42 -10.33 -5.05 7.66
N PHE A 43 -10.56 -4.67 8.90
CA PHE A 43 -11.93 -4.44 9.40
C PHE A 43 -12.36 -3.00 9.13
N GLU A 44 -13.53 -2.87 8.53
CA GLU A 44 -14.10 -1.57 8.14
C GLU A 44 -15.61 -1.72 8.06
N ASP A 45 -16.34 -0.89 8.79
CA ASP A 45 -17.81 -0.77 8.68
C ASP A 45 -18.44 -2.18 8.83
N GLY A 46 -18.01 -2.90 9.85
CA GLY A 46 -18.68 -4.12 10.33
C GLY A 46 -18.33 -5.34 9.52
N ARG A 47 -17.32 -5.28 8.65
CA ARG A 47 -16.91 -6.49 7.88
C ARG A 47 -15.42 -6.43 7.57
N ILE A 48 -14.84 -7.56 7.19
CA ILE A 48 -13.47 -7.63 6.62
C ILE A 48 -13.53 -7.29 5.13
N LEU A 49 -12.76 -6.29 4.74
CA LEU A 49 -12.54 -5.91 3.34
C LEU A 49 -11.14 -6.35 2.92
N LYS A 50 -10.96 -6.57 1.62
CA LYS A 50 -9.65 -7.02 1.09
C LYS A 50 -9.19 -6.06 0.01
N HIS A 51 -8.10 -5.37 0.29
CA HIS A 51 -7.59 -4.31 -0.60
C HIS A 51 -6.11 -4.49 -0.79
N ILE A 52 -5.64 -4.02 -1.93
CA ILE A 52 -4.19 -3.84 -2.15
C ILE A 52 -3.96 -2.32 -2.27
N TYR A 53 -2.79 -1.89 -1.83
CA TYR A 53 -2.50 -0.45 -1.63
C TYR A 53 -1.35 -0.01 -2.52
N PHE A 54 -1.45 1.22 -2.99
CA PHE A 54 -0.41 1.79 -3.87
C PHE A 54 -0.49 3.30 -3.77
N SER A 55 0.53 3.96 -4.31
CA SER A 55 0.61 5.43 -4.20
CA SER A 55 0.65 5.43 -4.17
C SER A 55 1.14 6.06 -5.49
N ALA A 56 0.75 7.29 -5.75
CA ALA A 56 1.33 8.08 -6.85
C ALA A 56 2.69 8.68 -6.45
N LEU A 57 3.12 8.54 -5.22
CA LEU A 57 4.43 8.99 -4.75
C LEU A 57 5.27 7.77 -4.34
N MET A 58 6.57 7.90 -4.38
CA MET A 58 7.49 6.81 -4.06
C MET A 58 7.52 6.50 -2.56
N GLU A 59 7.58 7.52 -1.72
CA GLU A 59 7.90 7.28 -0.30
C GLU A 59 6.84 6.37 0.37
N PRO A 60 5.54 6.51 0.12
CA PRO A 60 4.59 5.59 0.74
C PRO A 60 4.90 4.13 0.38
N ALA A 61 5.38 3.87 -0.84
CA ALA A 61 5.73 2.50 -1.25
C ALA A 61 6.98 2.04 -0.53
N VAL A 62 7.90 2.95 -0.20
CA VAL A 62 9.07 2.60 0.62
C VAL A 62 8.59 2.15 2.00
N TRP A 63 7.68 2.89 2.60
CA TRP A 63 7.05 2.42 3.86
C TRP A 63 6.40 1.05 3.64
N GLY A 64 5.65 0.92 2.56
CA GLY A 64 4.93 -0.35 2.31
C GLY A 64 5.90 -1.50 2.23
N ALA A 65 7.03 -1.32 1.55
CA ALA A 65 8.03 -2.40 1.44
C ALA A 65 8.65 -2.71 2.80
N GLU A 66 9.01 -1.68 3.55
CA GLU A 66 9.66 -1.86 4.88
C GLU A 66 8.72 -2.59 5.83
N LEU A 67 7.45 -2.20 5.83
CA LEU A 67 6.49 -2.81 6.77
C LEU A 67 6.08 -4.20 6.29
N ALA A 68 5.99 -4.42 4.97
CA ALA A 68 5.75 -5.79 4.48
C ALA A 68 6.84 -6.72 4.98
N MET A 69 8.08 -6.32 4.86
CA MET A 69 9.22 -7.18 5.24
C MET A 69 9.20 -7.39 6.75
N SER A 70 8.98 -6.31 7.51
CA SER A 70 9.03 -6.41 8.99
C SER A 70 7.90 -7.29 9.51
N LEU A 71 6.69 -7.10 9.01
CA LEU A 71 5.52 -7.89 9.47
C LEU A 71 5.72 -9.37 9.11
N SER A 72 6.43 -9.66 8.03
CA SER A 72 6.69 -11.04 7.55
C SER A 72 7.89 -11.64 8.28
N GLY A 73 8.62 -10.83 9.04
CA GLY A 73 9.81 -11.24 9.79
C GLY A 73 10.98 -11.54 8.86
N LEU A 74 10.99 -10.98 7.66
CA LEU A 74 11.99 -11.31 6.61
C LEU A 74 13.10 -10.27 6.66
N GLU A 75 14.28 -10.73 6.26
CA GLU A 75 15.56 -9.99 6.20
C GLU A 75 15.64 -9.15 4.91
N GLY A 76 16.19 -7.95 5.04
CA GLY A 76 16.54 -7.14 3.86
C GLY A 76 15.47 -6.16 3.41
N ARG A 77 15.78 -5.46 2.33
CA ARG A 77 14.85 -4.49 1.70
C ARG A 77 13.75 -5.28 1.00
N GLY A 78 12.56 -4.70 0.90
CA GLY A 78 11.48 -5.31 0.13
C GLY A 78 11.69 -5.10 -1.36
N TYR A 79 10.61 -5.28 -2.08
CA TYR A 79 10.48 -4.96 -3.51
C TYR A 79 9.56 -3.73 -3.66
N ILE A 80 9.95 -2.83 -4.58
CA ILE A 80 9.04 -1.76 -5.01
C ILE A 80 8.83 -1.92 -6.51
N TYR A 81 7.57 -2.04 -6.86
CA TYR A 81 7.10 -2.12 -8.25
C TYR A 81 6.42 -0.85 -8.68
N ILE A 82 6.69 -0.49 -9.94
CA ILE A 82 5.84 0.47 -10.66
C ILE A 82 4.63 -0.30 -11.15
N VAL A 83 3.45 0.18 -10.87
CA VAL A 83 2.20 -0.60 -11.09
C VAL A 83 1.11 0.23 -11.74
N GLU A 84 0.14 -0.47 -12.30
CA GLU A 84 -1.15 0.10 -12.69
C GLU A 84 -2.23 -0.68 -11.97
N PRO A 85 -3.24 0.02 -11.39
CA PRO A 85 -4.44 -0.67 -10.94
C PRO A 85 -5.12 -1.21 -12.21
N THR A 86 -5.87 -2.28 -12.05
CA THR A 86 -6.64 -2.91 -13.16
C THR A 86 -8.14 -2.72 -12.94
N GLY A 87 -8.53 -2.04 -11.87
CA GLY A 87 -9.92 -1.70 -11.61
C GLY A 87 -10.00 -0.43 -10.80
N PRO A 88 -11.25 -0.02 -10.43
CA PRO A 88 -11.48 1.22 -9.75
C PRO A 88 -10.67 1.27 -8.44
N PHE A 89 -10.30 2.49 -8.08
CA PHE A 89 -9.59 2.71 -6.80
C PHE A 89 -10.15 3.96 -6.14
N GLU A 90 -9.68 4.17 -4.93
CA GLU A 90 -10.16 5.30 -4.10
C GLU A 90 -9.09 5.67 -3.09
N ASP A 91 -9.25 6.88 -2.52
CA ASP A 91 -8.39 7.27 -1.38
C ASP A 91 -8.31 6.16 -0.36
N ASP A 92 -7.12 5.94 0.16
CA ASP A 92 -6.96 5.08 1.36
C ASP A 92 -7.47 5.83 2.59
N PRO A 93 -8.60 5.45 3.19
CA PRO A 93 -9.13 6.19 4.33
C PRO A 93 -8.13 6.23 5.50
N ASN A 94 -7.23 5.26 5.61
CA ASN A 94 -6.22 5.23 6.68
C ASN A 94 -5.34 6.47 6.64
N LEU A 95 -5.19 7.06 5.47
CA LEU A 95 -4.19 8.12 5.25
C LEU A 95 -4.87 9.39 4.74
N THR A 96 -6.19 9.47 4.86
CA THR A 96 -6.99 10.57 4.33
C THR A 96 -7.80 11.22 5.45
N ASN A 97 -7.49 12.49 5.77
CA ASN A 97 -8.19 13.19 6.88
C ASN A 97 -8.03 12.44 8.20
N LYS A 98 -6.85 11.90 8.43
CA LYS A 98 -6.45 11.26 9.68
C LYS A 98 -5.41 12.18 10.33
N LYS A 99 -4.16 11.89 10.14
CA LYS A 99 -3.10 12.72 10.71
C LYS A 99 -2.95 14.03 9.90
N PHE A 100 -3.46 14.08 8.69
CA PHE A 100 -3.30 15.24 7.80
C PHE A 100 -4.59 15.50 7.05
N PRO A 101 -4.84 16.77 6.67
CA PRO A 101 -5.95 17.07 5.78
C PRO A 101 -5.75 16.42 4.40
N GLY A 102 -6.85 15.89 3.89
CA GLY A 102 -6.82 15.31 2.54
C GLY A 102 -5.97 14.06 2.51
N ASN A 103 -5.42 13.77 1.33
CA ASN A 103 -4.60 12.55 1.09
C ASN A 103 -3.25 13.00 0.56
N PRO A 104 -2.41 13.60 1.42
CA PRO A 104 -1.18 14.25 0.94
C PRO A 104 -0.14 13.28 0.39
N THR A 105 -0.22 12.01 0.84
CA THR A 105 0.71 10.95 0.36
C THR A 105 0.18 10.32 -0.94
N GLN A 106 -0.96 10.73 -1.43
CA GLN A 106 -1.55 10.21 -2.67
C GLN A 106 -1.56 8.67 -2.63
N SER A 107 -2.07 8.15 -1.52
CA SER A 107 -2.19 6.70 -1.28
C SER A 107 -3.61 6.24 -1.56
N TYR A 108 -3.69 5.13 -2.29
CA TYR A 108 -4.95 4.60 -2.85
C TYR A 108 -5.06 3.10 -2.49
N ARG A 109 -6.29 2.65 -2.58
CA ARG A 109 -6.64 1.22 -2.41
C ARG A 109 -7.58 0.79 -3.50
N THR A 110 -7.50 -0.50 -3.79
CA THR A 110 -8.31 -1.13 -4.86
C THR A 110 -8.57 -2.58 -4.44
N CYS A 111 -9.65 -3.09 -5.00
CA CYS A 111 -10.11 -4.47 -4.76
C CYS A 111 -9.53 -5.42 -5.83
N GLU A 112 -9.00 -4.89 -6.92
CA GLU A 112 -8.56 -5.71 -8.07
C GLU A 112 -7.02 -5.77 -8.05
N PRO A 113 -6.45 -6.77 -8.75
CA PRO A 113 -5.01 -6.90 -8.85
C PRO A 113 -4.29 -5.66 -9.43
N LEU A 114 -3.02 -5.56 -9.10
CA LEU A 114 -2.14 -4.53 -9.70
C LEU A 114 -1.33 -5.19 -10.82
N ARG A 115 -1.18 -4.51 -11.93
CA ARG A 115 -0.24 -4.93 -12.99
C ARG A 115 1.15 -4.36 -12.69
N ILE A 116 2.18 -5.20 -12.68
CA ILE A 116 3.57 -4.71 -12.56
C ILE A 116 3.99 -4.21 -13.94
N VAL A 117 4.39 -2.94 -14.03
CA VAL A 117 4.87 -2.35 -15.30
C VAL A 117 6.33 -1.90 -15.18
N GLY A 118 6.97 -2.03 -14.04
CA GLY A 118 8.38 -1.65 -13.89
C GLY A 118 8.85 -1.92 -12.48
N VAL A 119 10.11 -1.70 -12.24
CA VAL A 119 10.79 -1.95 -10.96
C VAL A 119 11.50 -0.68 -10.51
N VAL A 120 11.42 -0.36 -9.22
CA VAL A 120 12.28 0.68 -8.61
C VAL A 120 13.46 -0.04 -7.98
N GLU A 121 14.67 0.29 -8.44
CA GLU A 121 15.92 -0.35 -7.98
C GLU A 121 16.45 0.40 -6.75
N ASP A 122 16.46 1.70 -6.83
CA ASP A 122 17.24 2.54 -5.88
C ASP A 122 16.23 3.20 -4.95
N TRP A 123 16.46 3.07 -3.65
CA TRP A 123 15.86 4.04 -2.72
C TRP A 123 16.63 4.02 -1.40
N GLU A 124 16.52 5.13 -0.68
CA GLU A 124 17.02 5.25 0.69
C GLU A 124 15.87 4.91 1.62
N GLY A 125 16.16 4.00 2.51
CA GLY A 125 15.20 3.53 3.49
C GLY A 125 15.02 4.51 4.62
N HIS A 126 13.99 4.27 5.43
CA HIS A 126 13.78 4.97 6.71
C HIS A 126 14.60 4.27 7.81
N PRO A 127 15.23 4.98 8.75
CA PRO A 127 15.81 4.30 9.93
C PRO A 127 14.78 3.43 10.67
N VAL A 128 15.25 2.29 11.18
CA VAL A 128 14.38 1.24 11.77
C VAL A 128 13.55 1.84 12.91
N GLU A 129 14.14 2.76 13.66
CA GLU A 129 13.45 3.43 14.80
C GLU A 129 12.14 4.00 14.26
N LEU A 130 12.17 4.58 13.08
CA LEU A 130 10.99 5.24 12.43
C LEU A 130 9.94 4.19 12.08
N ILE A 131 10.37 2.99 11.73
CA ILE A 131 9.52 1.85 11.31
C ILE A 131 8.93 1.13 12.53
N ARG A 132 9.56 1.23 13.71
CA ARG A 132 9.22 0.42 14.91
C ARG A 132 7.82 0.74 15.46
N GLY A 133 7.46 2.03 15.51
CA GLY A 133 6.17 2.50 16.06
C GLY A 133 5.00 2.05 15.23
N MET A 134 5.16 2.10 13.91
CA MET A 134 4.18 1.60 12.91
CA MET A 134 4.09 1.61 13.01
C MET A 134 4.03 0.09 13.10
N LEU A 135 5.17 -0.56 13.18
CA LEU A 135 5.26 -2.04 13.23
C LEU A 135 4.57 -2.51 14.51
N ASP A 136 4.82 -1.83 15.64
CA ASP A 136 4.18 -2.19 16.93
C ASP A 136 2.66 -2.14 16.78
N SER A 137 2.13 -1.05 16.25
CA SER A 137 0.68 -0.85 15.98
C SER A 137 0.15 -1.93 15.04
N LEU A 138 0.87 -2.21 13.95
CA LEU A 138 0.43 -3.22 12.95
C LEU A 138 0.47 -4.64 13.53
N GLU A 139 1.46 -4.93 14.38
CA GLU A 139 1.58 -6.25 15.07
C GLU A 139 0.31 -6.45 15.93
N ASP A 140 -0.15 -5.41 16.62
CA ASP A 140 -1.35 -5.51 17.48
C ASP A 140 -2.58 -5.71 16.60
N LEU A 141 -2.72 -4.93 15.52
CA LEU A 141 -3.90 -5.03 14.63
C LEU A 141 -3.92 -6.42 14.00
N LYS A 142 -2.74 -6.97 13.69
CA LYS A 142 -2.56 -8.32 13.12
C LYS A 142 -3.08 -9.35 14.13
N ARG A 143 -2.59 -9.29 15.38
CA ARG A 143 -3.02 -10.19 16.48
C ARG A 143 -4.55 -10.16 16.65
N ARG A 144 -5.16 -9.00 16.44
CA ARG A 144 -6.63 -8.82 16.64
C ARG A 144 -7.43 -9.17 15.39
N GLY A 145 -6.77 -9.53 14.29
CA GLY A 145 -7.46 -9.85 13.02
C GLY A 145 -8.02 -8.60 12.35
N LEU A 146 -7.52 -7.41 12.69
CA LEU A 146 -8.06 -6.13 12.16
C LEU A 146 -7.32 -5.66 10.91
N HIS A 147 -6.10 -6.12 10.71
CA HIS A 147 -5.26 -5.80 9.52
C HIS A 147 -4.32 -6.97 9.34
N VAL A 148 -4.52 -7.75 8.28
CA VAL A 148 -3.87 -9.06 8.06
C VAL A 148 -3.46 -9.14 6.59
N ILE A 149 -2.16 -9.32 6.37
CA ILE A 149 -1.58 -9.58 5.01
C ILE A 149 -1.92 -11.01 4.57
N GLU A 150 -2.54 -11.13 3.41
CA GLU A 150 -2.80 -12.43 2.71
C GLU A 150 -1.66 -12.70 1.71
C1 RFP B . -1.80 8.29 9.97
C2 RFP B . -1.34 7.46 11.02
C3 RFP B . 0.03 7.38 11.33
C4 RFP B . 0.95 8.09 10.56
C5 RFP B . 1.43 9.42 8.49
C6 RFP B . 0.94 10.01 7.33
C7 RFP B . -0.39 10.13 7.04
C8 RFP B . -1.31 9.63 7.96
C9 RFP B . -0.87 8.90 9.09
C10 RFP B . 0.52 8.80 9.40
C11 RFP B . 2.88 9.44 8.39
C12 RFP B . 3.21 10.09 7.04
C13 RFP B . 4.11 11.33 7.17
C14 RFP B . -0.87 10.81 5.79
C15 RFP B . -2.76 6.83 12.98
C16 RFP B . -3.90 5.93 13.38
C17 RFP B . -3.98 4.63 13.06
C18 RFP B . -3.05 3.82 12.35
C19 RFP B . -3.31 2.60 11.90
C20 RFP B . -2.41 1.78 11.04
C21 RFP B . -1.99 2.44 9.73
C22 RFP B . -1.31 1.50 8.72
C23 RFP B . -0.61 2.26 7.57
C24 RFP B . 0.59 3.11 8.01
C25 RFP B . 1.24 3.80 6.81
C26 RFP B . 2.24 4.90 7.16
C27 RFP B . 2.85 5.54 5.90
C28 RFP B . 3.63 6.78 6.18
C29 RFP B . 3.18 7.99 5.93
C30 RFP B . -5.04 6.62 14.09
C31 RFP B . -1.21 1.39 11.88
C32 RFP B . -2.28 0.47 8.15
C33 RFP B . 1.63 2.33 8.83
C34 RFP B . 1.61 5.95 8.07
C35 RFP B . 1.49 2.49 4.82
C36 RFP B . 2.51 1.75 4.02
C37 RFP B . 2.19 5.82 3.62
C38 RFP B . 0.69 6.87 17.53
C39 RFP B . -0.52 5.44 16.00
C40 RFP B . -0.42 4.39 14.92
C41 RFP B . 1.83 5.07 14.43
C42 RFP B . 1.72 6.17 15.47
C43 RFP B . 0.58 6.58 12.40
N1 RFP B . -2.38 6.77 11.70
N2 RFP B . -0.05 5.55 12.82
N3 RFP B . 0.47 4.90 13.90
N4 RFP B . 0.81 5.80 16.54
O1 RFP B . -3.12 8.29 9.69
O2 RFP B . -2.63 9.72 7.70
O3 RFP B . 1.90 10.49 6.48
O4 RFP B . 3.75 9.03 9.12
O5 RFP B . 3.86 9.19 6.16
O6 RFP B . 1.76 5.79 5.00
O7 RFP B . 1.99 2.84 6.01
O8 RFP B . 0.39 2.76 4.46
O9 RFP B . -1.59 3.08 6.90
O10 RFP B . -3.12 3.03 9.09
O11 RFP B . -2.12 7.51 13.77
O12 RFP B . 2.25 8.01 10.88
C1 RFP C . -14.19 1.12 14.13
C2 RFP C . -12.88 0.91 13.57
C3 RFP C . -12.25 -0.34 13.73
C4 RFP C . -12.87 -1.36 14.42
C5 RFP C . -14.79 -2.20 15.75
C6 RFP C . -16.02 -1.95 16.33
C7 RFP C . -16.69 -0.73 16.24
C8 RFP C . -16.12 0.25 15.47
C9 RFP C . -14.81 0.09 14.87
C10 RFP C . -14.13 -1.17 15.02
C11 RFP C . -14.37 -3.55 16.17
C12 RFP C . -15.51 -4.06 17.07
C13 RFP C . -16.20 -5.30 16.55
C14 RFP C . -18.04 -0.53 16.88
C15 RFP C . -12.62 2.97 12.17
C16 RFP C . -11.59 4.00 11.81
C17 RFP C . -10.36 4.20 12.36
C18 RFP C . -9.73 3.63 13.55
C19 RFP C . -8.42 3.77 13.85
C20 RFP C . -7.61 3.10 14.94
C21 RFP C . -8.49 2.59 16.09
C22 RFP C . -7.77 1.69 17.11
C23 RFP C . -8.75 1.09 18.14
C24 RFP C . -9.91 0.26 17.53
C25 RFP C . -10.70 -0.40 18.67
C26 RFP C . -12.13 -0.83 18.30
C27 RFP C . -12.85 -1.52 19.46
C28 RFP C . -14.12 -2.22 19.09
C29 RFP C . -14.10 -3.52 18.96
C30 RFP C . -12.13 4.88 10.72
C31 RFP C . -6.76 1.98 14.31
C32 RFP C . -6.62 2.40 17.81
C33 RFP C . -9.43 -0.75 16.48
C34 RFP C . -12.94 0.39 17.82
C35 RFP C . -9.60 -1.65 20.44
C36 RFP C . -9.09 -3.01 20.79
C37 RFP C . -13.17 -1.00 21.82
C38 RFP C . -6.00 -0.68 9.20
C39 RFP C . -7.42 -1.46 10.99
C40 RFP C . -8.77 -1.36 11.65
C41 RFP C . -8.78 1.07 11.00
C42 RFP C . -7.37 0.86 10.50
C43 RFP C . -10.92 -0.65 13.19
N1 RFP C . -12.20 1.93 12.88
N2 RFP C . -10.16 0.30 12.83
N3 RFP C . -9.14 0.04 11.98
N4 RFP C . -7.25 -0.48 9.94
O1 RFP C . -14.81 2.34 14.01
O2 RFP C . -16.77 1.43 15.38
O3 RFP C . -16.53 -2.96 17.09
O4 RFP C . -13.34 -4.20 15.94
O5 RFP C . -15.07 -4.33 18.40
O6 RFP C . -13.10 -0.49 20.48
O7 RFP C . -9.99 -1.58 19.15
O8 RFP C . -9.66 -0.72 21.19
O9 RFP C . -9.30 2.12 18.94
O10 RFP C . -9.06 3.71 16.78
O11 RFP C . -13.77 3.04 11.75
O12 RFP C . -12.20 -2.51 14.58
#